data_8HW8
#
_entry.id   8HW8
#
_cell.length_a   47.005
_cell.length_b   69.384
_cell.length_c   50.818
_cell.angle_alpha   90.00
_cell.angle_beta   105.20
_cell.angle_gamma   90.00
#
_symmetry.space_group_name_H-M   'P 1 21 1'
#
loop_
_entity.id
_entity.type
_entity.pdbx_description
1 polymer Chitinase
2 branched 2-acetamido-2-deoxy-beta-D-glucopyranose-(1-4)-2-acetamido-2-deoxy-beta-D-glucopyranose-(1-4)-2-acetamido-2-deoxy-beta-D-glucopyranose-(1-4)-2-acetamido-2-deoxy-6-O-sulfo-beta-D-glucopyranose
3 branched 2-acetamido-2-deoxy-beta-D-glucopyranose-(1-4)-2-acetamido-2-deoxy-beta-D-glucopyranose
4 non-polymer (2~{Z},9~{E})-~{N}-[(2~{R},3~{S},4~{R},5~{S},6~{S})-6-(hydroxymethyl)-2,4,5-tris(oxidanyl)oxan-3-yl]hexadeca-2,9-dienamide
5 non-polymer DI(HYDROXYETHYL)ETHER
6 water water
#
_entity_poly.entity_id   1
_entity_poly.type   'polypeptide(L)'
_entity_poly.pdbx_seq_one_letter_code
;MNRFFTLLFFVLFFNAAINFVSSHRIVGYYQGIRPLTNDQAKKLTHLILAFSTPDSQGNLSPLSSVLKQALKAGKSANGA
LKVMIAIGGGGFDPAIFTSLASNSGTRKSFINNIVSYLKTNELDGCDIAWAFPTSSDKAIFVTFLRDLKKAMAPSGAVLS
MASAASAFYLDPGYDLPGIESAVDFINVMCYDYYGSWTKTSTGPNSPLFKGGSADPSDTLNSNWTMNYHLMKVYNRAKLN
MGVPFYGKSWTNVGAPLNGDGLWRQLGTYGTELAWRNMGKSFDMTKTTYHKTAKTAYIYDTATKNFLTFDNPQSLKDKAK
YVAEKGIGGIMIWSIDQDDDKLSLLNSVSYHHHHHH
;
_entity_poly.pdbx_strand_id   A
#
loop_
_chem_comp.id
_chem_comp.type
_chem_comp.name
_chem_comp.formula
68X non-polymer (2~{Z},9~{E})-~{N}-[(2~{R},3~{S},4~{R},5~{S},6~{S})-6-(hydroxymethyl)-2,4,5-tris(oxidanyl)oxan-3-yl]hexadeca-2,9-dienamide 'C22 H39 N O6'
NAG D-saccharide, beta linking 2-acetamido-2-deoxy-beta-D-glucopyranose 'C8 H15 N O6'
NGS D-saccharide, beta linking 2-acetamido-2-deoxy-6-O-sulfo-beta-D-glucopyranose 'C8 H15 N O9 S'
PEG non-polymer DI(HYDROXYETHYL)ETHER 'C4 H10 O3'
#
# COMPACT_ATOMS: atom_id res chain seq x y z
N HIS A 24 -15.80 3.94 2.55
CA HIS A 24 -16.63 3.63 1.39
C HIS A 24 -15.79 3.10 0.21
N ARG A 25 -14.59 3.64 0.03
CA ARG A 25 -13.75 3.20 -1.08
C ARG A 25 -13.09 1.87 -0.76
N ILE A 26 -12.98 1.01 -1.76
CA ILE A 26 -12.12 -0.16 -1.71
C ILE A 26 -11.15 -0.05 -2.87
N VAL A 27 -9.90 0.30 -2.57
CA VAL A 27 -8.90 0.62 -3.59
C VAL A 27 -7.94 -0.56 -3.69
N GLY A 28 -7.96 -1.28 -4.81
CA GLY A 28 -7.11 -2.45 -4.90
C GLY A 28 -5.95 -2.25 -5.84
N TYR A 29 -4.73 -2.31 -5.32
CA TYR A 29 -3.58 -2.36 -6.21
C TYR A 29 -3.45 -3.74 -6.81
N TYR A 30 -2.89 -3.79 -8.01
CA TYR A 30 -2.81 -5.02 -8.79
C TYR A 30 -1.48 -5.06 -9.51
N GLN A 31 -0.74 -6.18 -9.34
CA GLN A 31 0.63 -6.32 -9.85
C GLN A 31 0.79 -7.26 -11.03
N GLY A 32 -0.25 -7.98 -11.43
CA GLY A 32 -0.08 -8.95 -12.50
C GLY A 32 0.49 -10.29 -12.08
N ILE A 33 0.22 -10.72 -10.85
CA ILE A 33 0.61 -12.05 -10.41
C ILE A 33 -0.24 -13.11 -11.09
N ARG A 34 -1.49 -12.78 -11.34
CA ARG A 34 -2.47 -13.70 -11.91
C ARG A 34 -3.60 -12.85 -12.46
N PRO A 35 -4.43 -13.41 -13.34
CA PRO A 35 -5.51 -12.61 -13.91
C PRO A 35 -6.43 -12.03 -12.85
N LEU A 36 -6.92 -10.82 -13.12
CA LEU A 36 -8.01 -10.25 -12.34
C LEU A 36 -9.31 -10.98 -12.66
N THR A 37 -10.02 -11.44 -11.63
CA THR A 37 -11.24 -12.18 -11.89
C THR A 37 -12.46 -11.26 -11.88
N ASN A 38 -13.54 -11.74 -12.50
CA ASN A 38 -14.76 -10.93 -12.53
C ASN A 38 -15.31 -10.71 -11.13
N ASP A 39 -15.14 -11.67 -10.22
CA ASP A 39 -15.60 -11.48 -8.86
C ASP A 39 -14.79 -10.40 -8.14
N GLN A 40 -13.47 -10.37 -8.35
CA GLN A 40 -12.64 -9.33 -7.74
C GLN A 40 -13.07 -7.94 -8.19
N ALA A 41 -13.30 -7.77 -9.50
CA ALA A 41 -13.59 -6.44 -10.03
C ALA A 41 -14.87 -5.86 -9.42
N LYS A 42 -15.83 -6.71 -9.08
CA LYS A 42 -17.07 -6.22 -8.50
C LYS A 42 -16.95 -5.80 -7.05
N LYS A 43 -15.87 -6.16 -6.37
CA LYS A 43 -15.70 -5.80 -4.97
C LYS A 43 -14.88 -4.54 -4.78
N LEU A 44 -14.38 -3.96 -5.86
CA LEU A 44 -13.53 -2.77 -5.78
C LEU A 44 -14.30 -1.55 -6.26
N THR A 45 -13.92 -0.39 -5.70
CA THR A 45 -14.31 0.87 -6.33
C THR A 45 -13.22 1.39 -7.26
N HIS A 46 -11.95 1.09 -6.96
CA HIS A 46 -10.81 1.54 -7.73
C HIS A 46 -9.84 0.38 -7.87
N LEU A 47 -9.31 0.20 -9.08
CA LEU A 47 -8.29 -0.79 -9.38
C LEU A 47 -7.05 -0.02 -9.83
N ILE A 48 -5.95 -0.18 -9.11
CA ILE A 48 -4.73 0.57 -9.44
C ILE A 48 -3.69 -0.40 -9.97
N LEU A 49 -3.45 -0.33 -11.28
CA LEU A 49 -2.43 -1.15 -11.93
C LEU A 49 -1.04 -0.65 -11.55
N ALA A 50 -0.15 -1.58 -11.20
CA ALA A 50 1.19 -1.19 -10.76
C ALA A 50 2.24 -1.99 -11.51
N PHE A 51 3.22 -1.35 -12.18
CA PHE A 51 3.44 0.10 -12.26
C PHE A 51 3.75 0.49 -13.69
N SER A 52 3.68 1.79 -13.96
CA SER A 52 4.37 2.39 -15.09
C SER A 52 5.49 3.28 -14.56
N THR A 53 6.63 3.28 -15.25
CA THR A 53 7.70 4.11 -14.74
C THR A 53 8.10 5.17 -15.77
N PRO A 54 8.40 6.39 -15.34
CA PRO A 54 8.90 7.39 -16.29
C PRO A 54 10.39 7.20 -16.52
N ASP A 55 10.82 7.47 -17.76
CA ASP A 55 12.25 7.49 -18.00
C ASP A 55 12.80 8.85 -17.60
N SER A 56 14.12 9.02 -17.78
CA SER A 56 14.77 10.26 -17.37
C SER A 56 14.13 11.50 -17.99
N GLN A 57 13.42 11.36 -19.10
CA GLN A 57 12.85 12.52 -19.76
C GLN A 57 11.33 12.59 -19.62
N GLY A 58 10.72 11.73 -18.82
CA GLY A 58 9.31 11.85 -18.56
C GLY A 58 8.40 11.13 -19.53
N ASN A 59 8.91 10.20 -20.34
CA ASN A 59 8.03 9.32 -21.09
C ASN A 59 7.68 8.15 -20.20
N LEU A 60 6.44 7.73 -20.27
CA LEU A 60 5.98 6.64 -19.43
C LEU A 60 6.17 5.30 -20.12
N SER A 61 6.55 4.30 -19.34
CA SER A 61 6.76 2.98 -19.91
C SER A 61 5.41 2.42 -20.39
N PRO A 62 5.40 1.70 -21.50
CA PRO A 62 4.13 1.18 -22.03
C PRO A 62 3.46 0.23 -21.06
N LEU A 63 2.14 0.22 -21.11
CA LEU A 63 1.36 -0.64 -20.22
C LEU A 63 1.61 -2.10 -20.59
N SER A 64 1.98 -2.91 -19.62
CA SER A 64 2.30 -4.30 -19.92
C SER A 64 1.04 -5.07 -20.30
N SER A 65 1.25 -6.19 -20.98
CA SER A 65 0.15 -7.06 -21.35
C SER A 65 -0.68 -7.48 -20.14
N VAL A 66 -0.03 -7.90 -19.06
CA VAL A 66 -0.80 -8.39 -17.92
C VAL A 66 -1.62 -7.27 -17.30
N LEU A 67 -1.11 -6.03 -17.32
CA LEU A 67 -1.87 -4.95 -16.73
C LEU A 67 -3.00 -4.50 -17.65
N LYS A 68 -2.75 -4.48 -18.96
CA LYS A 68 -3.82 -4.17 -19.92
C LYS A 68 -4.96 -5.17 -19.82
N GLN A 69 -4.63 -6.45 -19.67
CA GLN A 69 -5.67 -7.49 -19.54
C GLN A 69 -6.54 -7.24 -18.33
N ALA A 70 -5.93 -6.84 -17.21
CA ALA A 70 -6.70 -6.60 -16.01
C ALA A 70 -7.58 -5.36 -16.14
N LEU A 71 -7.10 -4.34 -16.86
CA LEU A 71 -7.95 -3.19 -17.15
C LEU A 71 -9.22 -3.64 -17.85
N LYS A 72 -9.07 -4.46 -18.90
CA LYS A 72 -10.23 -4.88 -19.69
C LYS A 72 -11.14 -5.79 -18.88
N ALA A 73 -10.56 -6.75 -18.15
CA ALA A 73 -11.35 -7.62 -17.29
C ALA A 73 -12.11 -6.82 -16.25
N GLY A 74 -11.47 -5.84 -15.65
CA GLY A 74 -12.12 -5.08 -14.59
C GLY A 74 -13.31 -4.28 -15.09
N LYS A 75 -13.12 -3.55 -16.18
CA LYS A 75 -14.22 -2.73 -16.69
C LYS A 75 -15.36 -3.59 -17.24
N SER A 76 -15.02 -4.76 -17.79
CA SER A 76 -16.05 -5.65 -18.32
C SER A 76 -16.97 -6.13 -17.22
N ALA A 77 -16.42 -6.47 -16.06
CA ALA A 77 -17.16 -7.03 -14.95
C ALA A 77 -17.80 -5.96 -14.09
N ASN A 78 -17.28 -4.74 -14.10
CA ASN A 78 -17.80 -3.69 -13.23
C ASN A 78 -17.71 -2.35 -13.96
N GLY A 79 -18.83 -1.92 -14.54
CA GLY A 79 -18.88 -0.69 -15.29
C GLY A 79 -18.70 0.58 -14.46
N ALA A 80 -18.75 0.46 -13.13
CA ALA A 80 -18.48 1.59 -12.25
C ALA A 80 -17.02 1.67 -11.81
N LEU A 81 -16.24 0.63 -12.08
CA LEU A 81 -14.87 0.57 -11.59
C LEU A 81 -13.99 1.64 -12.24
N LYS A 82 -13.18 2.30 -11.44
CA LYS A 82 -12.18 3.25 -11.92
C LYS A 82 -10.84 2.55 -11.98
N VAL A 83 -10.26 2.46 -13.17
CA VAL A 83 -8.99 1.76 -13.36
C VAL A 83 -7.90 2.82 -13.53
N MET A 84 -6.90 2.78 -12.67
CA MET A 84 -5.86 3.80 -12.61
C MET A 84 -4.50 3.14 -12.81
N ILE A 85 -3.51 3.95 -13.18
CA ILE A 85 -2.13 3.46 -13.30
C ILE A 85 -1.31 4.08 -12.18
N ALA A 86 -0.57 3.25 -11.46
CA ALA A 86 0.39 3.75 -10.48
C ALA A 86 1.70 4.02 -11.18
N ILE A 87 2.20 5.23 -11.00
CA ILE A 87 3.40 5.72 -11.67
C ILE A 87 4.49 5.81 -10.62
N GLY A 88 5.58 5.08 -10.85
CA GLY A 88 6.70 5.09 -9.92
C GLY A 88 6.89 3.71 -9.32
N GLY A 89 6.88 3.62 -8.00
CA GLY A 89 6.93 2.34 -7.35
C GLY A 89 8.06 2.20 -6.35
N GLY A 90 7.91 1.27 -5.41
CA GLY A 90 8.98 0.99 -4.47
C GLY A 90 10.30 0.68 -5.16
N GLY A 91 10.23 0.05 -6.33
CA GLY A 91 11.42 -0.19 -7.13
C GLY A 91 11.56 0.80 -8.27
N PHE A 92 11.63 2.09 -7.95
CA PHE A 92 11.86 3.14 -8.95
C PHE A 92 12.66 4.27 -8.33
N ASP A 93 13.69 4.74 -9.06
CA ASP A 93 14.64 5.76 -8.60
C ASP A 93 13.95 7.09 -8.34
N PRO A 94 13.76 7.47 -7.06
CA PRO A 94 13.02 8.71 -6.77
C PRO A 94 13.74 9.97 -7.24
N ALA A 95 15.02 9.91 -7.59
CA ALA A 95 15.69 11.09 -8.11
C ALA A 95 15.14 11.51 -9.47
N ILE A 96 14.54 10.59 -10.23
CA ILE A 96 13.93 10.96 -11.50
C ILE A 96 12.69 11.80 -11.27
N PHE A 97 11.90 11.47 -10.23
CA PHE A 97 10.78 12.33 -9.85
C PHE A 97 11.24 13.72 -9.44
N THR A 98 12.34 13.79 -8.67
CA THR A 98 12.87 15.09 -8.27
C THR A 98 13.19 15.93 -9.49
N SER A 99 13.88 15.33 -10.47
CA SER A 99 14.31 16.06 -11.65
C SER A 99 13.10 16.54 -12.45
N LEU A 100 12.15 15.63 -12.71
CA LEU A 100 10.99 15.97 -13.52
C LEU A 100 10.13 17.04 -12.85
N ALA A 101 9.92 16.92 -11.54
CA ALA A 101 9.00 17.83 -10.89
C ALA A 101 9.63 19.18 -10.56
N SER A 102 10.97 19.25 -10.39
CA SER A 102 11.62 20.48 -9.93
C SER A 102 11.72 21.54 -10.99
N ASN A 103 11.79 21.13 -12.25
CA ASN A 103 11.99 22.00 -13.40
C ASN A 103 10.62 22.29 -13.99
N SER A 104 10.21 23.56 -13.98
CA SER A 104 8.86 23.90 -14.44
C SER A 104 8.60 23.42 -15.87
N GLY A 105 9.64 23.44 -16.71
CA GLY A 105 9.45 22.97 -18.09
C GLY A 105 9.22 21.47 -18.17
N THR A 106 10.02 20.70 -17.45
CA THR A 106 9.86 19.25 -17.50
C THR A 106 8.64 18.79 -16.71
N ARG A 107 8.26 19.54 -15.68
CA ARG A 107 7.01 19.25 -14.97
C ARG A 107 5.82 19.35 -15.92
N LYS A 108 5.79 20.39 -16.74
CA LYS A 108 4.67 20.58 -17.66
C LYS A 108 4.61 19.47 -18.71
N SER A 109 5.76 19.13 -19.31
CA SER A 109 5.74 18.10 -20.35
C SER A 109 5.46 16.72 -19.77
N PHE A 110 5.95 16.44 -18.56
CA PHE A 110 5.64 15.18 -17.90
C PHE A 110 4.16 15.06 -17.63
N ILE A 111 3.55 16.12 -17.13
CA ILE A 111 2.11 16.10 -16.87
C ILE A 111 1.34 15.90 -18.17
N ASN A 112 1.76 16.57 -19.24
CA ASN A 112 1.10 16.38 -20.53
C ASN A 112 1.23 14.93 -21.00
N ASN A 113 2.38 14.32 -20.77
CA ASN A 113 2.58 12.91 -21.11
C ASN A 113 1.67 12.00 -20.30
N ILE A 114 1.50 12.29 -19.01
CA ILE A 114 0.61 11.49 -18.17
C ILE A 114 -0.82 11.57 -18.68
N VAL A 115 -1.30 12.77 -18.96
CA VAL A 115 -2.69 12.91 -19.40
C VAL A 115 -2.90 12.23 -20.74
N SER A 116 -1.91 12.35 -21.64
CA SER A 116 -1.97 11.65 -22.93
C SER A 116 -1.98 10.14 -22.73
N TYR A 117 -1.19 9.64 -21.79
CA TYR A 117 -1.12 8.21 -21.50
C TYR A 117 -2.44 7.67 -20.99
N LEU A 118 -3.14 8.46 -20.16
CA LEU A 118 -4.44 8.02 -19.68
C LEU A 118 -5.43 7.89 -20.83
N LYS A 119 -5.39 8.81 -21.78
CA LYS A 119 -6.26 8.75 -22.90
C LYS A 119 -5.96 7.57 -23.76
N THR A 120 -4.71 7.46 -24.17
CA THR A 120 -4.29 6.40 -25.07
C THR A 120 -4.63 5.02 -24.51
N ASN A 121 -4.44 4.83 -23.20
CA ASN A 121 -4.58 3.51 -22.59
C ASN A 121 -5.94 3.32 -21.93
N GLU A 122 -6.87 4.26 -22.12
CA GLU A 122 -8.24 4.15 -21.62
C GLU A 122 -8.27 3.99 -20.10
N LEU A 123 -7.45 4.77 -19.42
CA LEU A 123 -7.39 4.75 -17.95
C LEU A 123 -8.23 5.87 -17.37
N ASP A 124 -8.63 5.69 -16.12
CA ASP A 124 -9.50 6.62 -15.41
C ASP A 124 -8.74 7.51 -14.42
N GLY A 125 -7.43 7.33 -14.28
CA GLY A 125 -6.68 8.18 -13.39
C GLY A 125 -5.31 7.59 -13.13
N CYS A 126 -4.63 8.17 -12.15
CA CYS A 126 -3.30 7.69 -11.85
C CYS A 126 -2.98 7.91 -10.38
N ASP A 127 -2.08 7.08 -9.88
CA ASP A 127 -1.58 7.10 -8.52
C ASP A 127 -0.10 7.43 -8.60
N ILE A 128 0.35 8.46 -7.89
CA ILE A 128 1.78 8.77 -7.83
C ILE A 128 2.39 7.99 -6.68
N ALA A 129 3.38 7.16 -7.00
CA ALA A 129 4.01 6.23 -6.07
C ALA A 129 5.50 6.59 -5.99
N TRP A 130 5.79 7.64 -5.24
CA TRP A 130 7.14 8.20 -5.14
C TRP A 130 7.78 7.67 -3.85
N ALA A 131 8.81 6.86 -3.99
CA ALA A 131 9.43 6.25 -2.83
C ALA A 131 10.90 6.61 -2.78
N PHE A 132 11.28 7.64 -2.01
N PHE A 132 11.26 7.72 -2.14
CA PHE A 132 10.38 8.50 -1.21
CA PHE A 132 10.38 8.52 -1.31
C PHE A 132 10.81 9.96 -1.46
C PHE A 132 10.82 9.98 -1.46
N PRO A 133 9.90 10.93 -1.32
CA PRO A 133 10.31 12.34 -1.37
C PRO A 133 11.09 12.72 -0.12
N THR A 134 12.17 13.50 -0.32
CA THR A 134 12.99 14.00 0.77
C THR A 134 12.58 15.44 1.13
N SER A 135 13.29 16.01 2.11
CA SER A 135 13.01 17.38 2.53
C SER A 135 13.10 18.35 1.36
N SER A 136 14.00 18.10 0.41
CA SER A 136 14.10 19.05 -0.70
C SER A 136 13.06 18.79 -1.77
N ASP A 137 12.27 17.71 -1.65
CA ASP A 137 11.15 17.41 -2.55
C ASP A 137 9.80 17.86 -2.00
N LYS A 138 9.73 18.22 -0.73
CA LYS A 138 8.44 18.39 -0.07
C LYS A 138 7.55 19.38 -0.81
N ALA A 139 8.07 20.58 -1.08
CA ALA A 139 7.23 21.59 -1.71
C ALA A 139 6.99 21.28 -3.18
N ILE A 140 8.01 20.77 -3.88
CA ILE A 140 7.85 20.53 -5.30
C ILE A 140 6.86 19.38 -5.56
N PHE A 141 6.78 18.41 -4.65
CA PHE A 141 5.78 17.34 -4.79
C PHE A 141 4.38 17.93 -4.82
N VAL A 142 4.11 18.88 -3.92
CA VAL A 142 2.79 19.49 -3.86
C VAL A 142 2.49 20.25 -5.15
N THR A 143 3.47 21.01 -5.66
CA THR A 143 3.28 21.74 -6.90
C THR A 143 2.99 20.79 -8.05
N PHE A 144 3.73 19.69 -8.12
CA PHE A 144 3.51 18.69 -9.15
C PHE A 144 2.10 18.12 -9.08
N LEU A 145 1.64 17.75 -7.88
CA LEU A 145 0.32 17.16 -7.77
C LEU A 145 -0.77 18.16 -8.11
N ARG A 146 -0.61 19.41 -7.66
CA ARG A 146 -1.59 20.44 -7.99
C ARG A 146 -1.67 20.67 -9.49
N ASP A 147 -0.52 20.79 -10.15
CA ASP A 147 -0.53 21.00 -11.59
C ASP A 147 -1.07 19.79 -12.33
N LEU A 148 -0.77 18.59 -11.84
CA LEU A 148 -1.30 17.39 -12.48
C LEU A 148 -2.82 17.33 -12.37
N LYS A 149 -3.37 17.66 -11.20
CA LYS A 149 -4.82 17.64 -11.06
C LYS A 149 -5.48 18.63 -11.99
N LYS A 150 -4.90 19.82 -12.15
CA LYS A 150 -5.48 20.81 -13.08
C LYS A 150 -5.58 20.25 -14.48
N ALA A 151 -4.60 19.48 -14.92
CA ALA A 151 -4.60 18.91 -16.25
C ALA A 151 -5.56 17.74 -16.36
N MET A 152 -5.80 17.03 -15.26
CA MET A 152 -6.69 15.88 -15.24
C MET A 152 -8.14 16.27 -15.06
N ALA A 153 -8.43 17.48 -14.57
CA ALA A 153 -9.78 17.79 -14.11
C ALA A 153 -10.83 17.74 -15.22
N PRO A 154 -10.62 18.29 -16.42
CA PRO A 154 -11.72 18.27 -17.41
C PRO A 154 -12.23 16.88 -17.74
N SER A 155 -11.38 15.86 -17.73
CA SER A 155 -11.81 14.50 -18.04
C SER A 155 -12.31 13.75 -16.82
N GLY A 156 -12.25 14.37 -15.65
CA GLY A 156 -12.63 13.69 -14.43
C GLY A 156 -11.69 12.59 -14.01
N ALA A 157 -10.45 12.62 -14.49
CA ALA A 157 -9.51 11.58 -14.10
C ALA A 157 -9.16 11.69 -12.62
N VAL A 158 -9.07 10.53 -11.96
CA VAL A 158 -8.87 10.44 -10.52
C VAL A 158 -7.38 10.51 -10.21
N LEU A 159 -6.99 11.34 -9.25
CA LEU A 159 -5.60 11.44 -8.83
C LEU A 159 -5.44 10.96 -7.40
N SER A 160 -4.52 10.03 -7.18
CA SER A 160 -4.16 9.66 -5.82
C SER A 160 -2.65 9.66 -5.68
N MET A 161 -2.21 9.45 -4.44
CA MET A 161 -0.79 9.19 -4.21
C MET A 161 -0.67 8.26 -3.02
N ALA A 162 0.49 7.60 -2.93
CA ALA A 162 0.80 6.67 -1.85
C ALA A 162 1.67 7.35 -0.81
N SER A 163 1.28 7.21 0.45
CA SER A 163 1.97 7.87 1.56
C SER A 163 2.70 6.86 2.44
N ALA A 164 3.77 7.32 3.07
CA ALA A 164 4.62 6.48 3.91
C ALA A 164 3.99 6.27 5.30
N ALA A 165 4.68 5.47 6.12
CA ALA A 165 4.09 4.98 7.35
C ALA A 165 4.83 5.38 8.63
N SER A 166 6.01 5.99 8.53
CA SER A 166 6.77 6.39 9.70
C SER A 166 7.16 7.85 9.60
N ALA A 167 7.34 8.48 10.77
CA ALA A 167 7.75 9.89 10.80
C ALA A 167 9.11 10.08 10.15
N PHE A 168 9.95 9.05 10.15
CA PHE A 168 11.26 9.11 9.51
C PHE A 168 11.15 9.58 8.06
N TYR A 169 10.14 9.09 7.33
CA TYR A 169 9.89 9.55 5.98
C TYR A 169 8.86 10.66 5.92
N LEU A 170 7.83 10.59 6.75
CA LEU A 170 6.69 11.50 6.63
C LEU A 170 7.06 12.93 6.99
N ASP A 171 7.81 13.13 8.08
CA ASP A 171 8.13 14.49 8.53
C ASP A 171 8.92 15.28 7.49
N PRO A 172 10.01 14.75 6.91
CA PRO A 172 10.77 15.59 5.95
C PRO A 172 10.12 15.71 4.58
N GLY A 173 9.46 14.66 4.11
CA GLY A 173 9.09 14.64 2.70
C GLY A 173 7.65 14.94 2.32
N TYR A 174 6.73 14.94 3.28
CA TYR A 174 5.29 14.94 2.96
C TYR A 174 4.61 16.13 3.61
N ASP A 175 4.18 17.08 2.76
CA ASP A 175 3.27 18.16 3.18
C ASP A 175 1.86 17.61 2.99
N LEU A 176 1.35 16.94 4.02
CA LEU A 176 0.06 16.26 3.88
C LEU A 176 -1.09 17.24 3.61
N PRO A 177 -1.19 18.42 4.26
CA PRO A 177 -2.24 19.37 3.85
C PRO A 177 -2.14 19.80 2.40
N GLY A 178 -0.92 20.05 1.92
CA GLY A 178 -0.76 20.42 0.52
C GLY A 178 -1.09 19.29 -0.43
N ILE A 179 -0.65 18.08 -0.10
CA ILE A 179 -0.98 16.91 -0.91
C ILE A 179 -2.49 16.73 -0.96
N GLU A 180 -3.14 16.84 0.20
CA GLU A 180 -4.59 16.67 0.29
C GLU A 180 -5.33 17.65 -0.61
N SER A 181 -4.84 18.89 -0.71
CA SER A 181 -5.48 19.91 -1.52
C SER A 181 -5.42 19.59 -3.02
N ALA A 182 -4.59 18.65 -3.43
CA ALA A 182 -4.42 18.33 -4.84
C ALA A 182 -5.08 17.03 -5.24
N VAL A 183 -5.11 16.04 -4.36
CA VAL A 183 -5.47 14.69 -4.78
C VAL A 183 -6.91 14.39 -4.39
N ASP A 184 -7.45 13.34 -5.02
CA ASP A 184 -8.77 12.85 -4.65
C ASP A 184 -8.69 11.95 -3.41
N PHE A 185 -7.60 11.24 -3.21
CA PHE A 185 -7.41 10.50 -1.97
C PHE A 185 -5.95 10.11 -1.82
N ILE A 186 -5.59 9.80 -0.57
CA ILE A 186 -4.25 9.40 -0.19
C ILE A 186 -4.29 7.94 0.24
N ASN A 187 -3.41 7.12 -0.36
CA ASN A 187 -3.35 5.70 -0.05
C ASN A 187 -2.24 5.51 0.99
N VAL A 188 -2.61 5.34 2.25
CA VAL A 188 -1.62 5.30 3.34
C VAL A 188 -1.12 3.87 3.50
N MET A 189 0.19 3.65 3.30
CA MET A 189 0.75 2.30 3.23
C MET A 189 1.13 1.78 4.62
N CYS A 190 0.10 1.30 5.34
CA CYS A 190 0.24 0.85 6.73
C CYS A 190 0.71 -0.61 6.80
N TYR A 191 1.94 -0.82 6.35
CA TYR A 191 2.56 -2.14 6.38
C TYR A 191 4.06 -1.95 6.22
N ASP A 192 4.79 -3.07 6.16
CA ASP A 192 6.26 -3.05 6.12
C ASP A 192 6.83 -2.37 7.37
N TYR A 193 6.23 -2.62 8.53
CA TYR A 193 6.77 -2.07 9.77
C TYR A 193 8.00 -2.85 10.22
N TYR A 194 8.07 -4.13 9.87
CA TYR A 194 9.22 -4.99 10.09
C TYR A 194 9.59 -5.63 8.77
N GLY A 195 10.85 -6.02 8.61
CA GLY A 195 11.28 -6.58 7.35
C GLY A 195 12.72 -7.00 7.39
N SER A 196 13.31 -7.11 6.20
CA SER A 196 14.67 -7.61 6.06
C SER A 196 15.70 -6.70 6.72
N TRP A 197 15.36 -5.42 6.92
CA TRP A 197 16.26 -4.46 7.56
C TRP A 197 16.24 -4.57 9.09
N THR A 198 15.27 -5.27 9.66
CA THR A 198 15.12 -5.30 11.12
C THR A 198 16.24 -6.13 11.72
N LYS A 199 16.98 -5.56 12.67
CA LYS A 199 18.07 -6.26 13.34
C LYS A 199 17.73 -6.67 14.76
N THR A 200 16.65 -6.16 15.34
CA THR A 200 16.37 -6.33 16.76
C THR A 200 15.65 -7.64 17.07
N SER A 201 14.64 -8.01 16.29
CA SER A 201 13.79 -9.15 16.60
C SER A 201 12.83 -9.34 15.44
N THR A 202 12.07 -10.44 15.48
CA THR A 202 10.88 -10.51 14.65
C THR A 202 9.87 -9.46 15.09
N GLY A 203 8.86 -9.26 14.26
CA GLY A 203 7.79 -8.37 14.58
C GLY A 203 6.74 -8.38 13.49
N PRO A 204 5.64 -7.66 13.72
CA PRO A 204 4.49 -7.73 12.82
C PRO A 204 4.65 -6.84 11.59
N ASN A 205 4.36 -7.40 10.43
CA ASN A 205 4.41 -6.62 9.20
C ASN A 205 3.41 -5.48 9.22
N SER A 206 2.23 -5.72 9.80
CA SER A 206 1.13 -4.77 9.71
C SER A 206 0.15 -5.02 10.84
N PRO A 207 0.55 -4.71 12.09
CA PRO A 207 -0.41 -4.78 13.19
C PRO A 207 -1.33 -3.57 13.15
N LEU A 208 -2.51 -3.73 13.71
CA LEU A 208 -3.38 -2.58 13.85
C LEU A 208 -2.92 -1.66 14.98
N PHE A 209 -2.53 -2.21 16.13
CA PHE A 209 -2.19 -1.41 17.30
C PHE A 209 -0.82 -1.78 17.84
N LYS A 210 -0.29 -0.90 18.69
CA LYS A 210 0.77 -1.31 19.60
C LYS A 210 0.30 -2.54 20.38
N GLY A 211 1.24 -3.46 20.66
CA GLY A 211 0.89 -4.74 21.22
C GLY A 211 1.12 -4.87 22.71
N GLY A 212 0.84 -3.83 23.47
CA GLY A 212 0.93 -3.93 24.91
C GLY A 212 2.33 -3.67 25.45
N SER A 213 2.53 -4.12 26.69
CA SER A 213 3.71 -3.72 27.44
C SER A 213 4.99 -4.35 26.91
N ALA A 214 4.91 -5.48 26.21
CA ALA A 214 6.10 -6.11 25.65
C ALA A 214 6.53 -5.47 24.34
N ASP A 215 5.72 -4.61 23.76
CA ASP A 215 6.03 -4.05 22.45
C ASP A 215 7.15 -3.02 22.56
N PRO A 216 8.27 -3.20 21.87
CA PRO A 216 9.36 -2.20 21.97
C PRO A 216 9.09 -0.91 21.22
N SER A 217 7.96 -0.79 20.51
CA SER A 217 7.68 0.34 19.65
C SER A 217 6.29 0.89 19.94
N ASP A 218 6.19 2.22 19.98
CA ASP A 218 4.88 2.85 20.06
C ASP A 218 4.30 3.16 18.68
N THR A 219 5.11 3.14 17.63
CA THR A 219 4.76 3.76 16.37
C THR A 219 4.69 2.79 15.21
N LEU A 220 5.18 1.56 15.35
CA LEU A 220 5.22 0.63 14.21
C LEU A 220 3.90 -0.13 14.07
N ASN A 221 2.82 0.62 13.87
CA ASN A 221 1.49 0.02 13.79
C ASN A 221 0.56 0.95 13.02
N SER A 222 -0.49 0.35 12.46
CA SER A 222 -1.37 1.09 11.55
C SER A 222 -2.07 2.24 12.26
N ASN A 223 -2.48 2.02 13.51
CA ASN A 223 -3.18 3.05 14.25
C ASN A 223 -2.30 4.28 14.44
N TRP A 224 -1.02 4.09 14.74
CA TRP A 224 -0.13 5.23 14.86
C TRP A 224 -0.04 5.98 13.54
N THR A 225 0.13 5.22 12.44
CA THR A 225 0.29 5.85 11.14
C THR A 225 -0.96 6.61 10.73
N MET A 226 -2.13 6.01 10.94
CA MET A 226 -3.36 6.71 10.57
C MET A 226 -3.60 7.92 11.45
N ASN A 227 -3.32 7.82 12.76
CA ASN A 227 -3.45 8.99 13.62
C ASN A 227 -2.52 10.11 13.20
N TYR A 228 -1.29 9.77 12.77
CA TYR A 228 -0.39 10.80 12.26
C TYR A 228 -1.06 11.55 11.11
N HIS A 229 -1.65 10.82 10.17
CA HIS A 229 -2.32 11.46 9.04
C HIS A 229 -3.56 12.22 9.48
N LEU A 230 -4.33 11.65 10.41
CA LEU A 230 -5.56 12.29 10.86
C LEU A 230 -5.26 13.63 11.54
N MET A 231 -4.12 13.73 12.24
CA MET A 231 -3.79 15.00 12.90
C MET A 231 -3.34 16.07 11.93
N LYS A 232 -2.97 15.69 10.69
CA LYS A 232 -2.44 16.65 9.74
C LYS A 232 -3.38 17.00 8.61
N VAL A 233 -4.28 16.10 8.19
CA VAL A 233 -5.18 16.42 7.08
C VAL A 233 -6.43 17.12 7.58
N TYR A 234 -7.06 17.85 6.66
CA TYR A 234 -8.31 18.53 6.99
C TYR A 234 -9.49 17.57 7.02
N ASN A 235 -9.61 16.71 6.01
CA ASN A 235 -10.78 15.85 5.88
C ASN A 235 -10.34 14.41 5.78
N ARG A 236 -10.57 13.64 6.84
CA ARG A 236 -10.18 12.24 6.88
C ARG A 236 -10.88 11.39 5.83
N ALA A 237 -11.96 11.89 5.22
CA ALA A 237 -12.58 11.11 4.14
C ALA A 237 -11.65 10.96 2.95
N LYS A 238 -10.61 11.78 2.86
CA LYS A 238 -9.67 11.66 1.75
C LYS A 238 -8.59 10.64 2.01
N LEU A 239 -8.61 9.95 3.15
CA LEU A 239 -7.61 8.93 3.47
C LEU A 239 -8.15 7.53 3.20
N ASN A 240 -7.26 6.64 2.71
CA ASN A 240 -7.49 5.20 2.72
C ASN A 240 -6.44 4.54 3.60
N MET A 241 -6.87 3.63 4.48
CA MET A 241 -5.90 2.86 5.26
C MET A 241 -5.46 1.65 4.44
N GLY A 242 -4.16 1.55 4.16
CA GLY A 242 -3.65 0.41 3.41
C GLY A 242 -3.52 -0.84 4.27
N VAL A 243 -3.85 -1.99 3.67
CA VAL A 243 -3.68 -3.29 4.29
C VAL A 243 -2.95 -4.21 3.33
N PRO A 244 -2.13 -5.14 3.83
CA PRO A 244 -1.38 -6.04 2.95
C PRO A 244 -2.08 -7.38 2.76
N PHE A 245 -1.96 -7.96 1.57
CA PHE A 245 -2.38 -9.33 1.32
C PHE A 245 -1.18 -10.27 1.25
N TYR A 246 -0.09 -9.88 1.90
CA TYR A 246 1.13 -10.66 1.95
C TYR A 246 1.63 -10.63 3.39
N GLY A 247 2.57 -11.52 3.67
CA GLY A 247 3.25 -11.53 4.96
C GLY A 247 4.74 -11.70 4.80
N LYS A 248 5.44 -11.93 5.91
CA LYS A 248 6.90 -12.05 5.85
C LYS A 248 7.35 -13.19 6.76
N SER A 249 8.43 -13.84 6.35
CA SER A 249 8.96 -14.98 7.10
C SER A 249 10.39 -14.72 7.56
N TRP A 250 10.73 -15.35 8.70
CA TRP A 250 12.09 -15.53 9.16
C TRP A 250 12.29 -17.01 9.47
N THR A 251 13.55 -17.45 9.41
CA THR A 251 13.91 -18.81 9.81
C THR A 251 14.91 -18.75 10.95
N ASN A 252 15.08 -19.91 11.59
CA ASN A 252 16.00 -20.06 12.73
C ASN A 252 15.70 -19.03 13.82
N VAL A 253 14.43 -18.84 14.07
CA VAL A 253 13.99 -17.84 15.05
C VAL A 253 13.97 -18.48 16.43
N GLY A 254 14.40 -17.73 17.44
CA GLY A 254 14.47 -18.26 18.79
C GLY A 254 13.42 -17.77 19.76
N ALA A 255 13.84 -17.47 20.98
CA ALA A 255 12.93 -17.26 22.07
C ALA A 255 12.39 -15.83 22.08
N PRO A 256 11.24 -15.60 22.75
CA PRO A 256 10.74 -14.24 22.90
C PRO A 256 11.73 -13.34 23.63
N LEU A 257 11.73 -12.06 23.26
CA LEU A 257 12.61 -11.10 23.91
C LEU A 257 12.15 -10.82 25.33
N ASN A 258 10.86 -10.56 25.51
CA ASN A 258 10.31 -10.17 26.81
C ASN A 258 8.96 -10.83 27.03
N GLY A 259 8.90 -12.14 26.81
CA GLY A 259 7.75 -12.95 27.15
C GLY A 259 6.61 -12.95 26.16
N ASP A 260 6.72 -12.22 25.06
CA ASP A 260 5.67 -12.20 24.05
C ASP A 260 6.24 -12.77 22.76
N GLY A 261 5.63 -13.85 22.28
CA GLY A 261 6.16 -14.60 21.14
C GLY A 261 6.11 -13.89 19.81
N LEU A 262 5.53 -12.68 19.76
CA LEU A 262 5.56 -11.89 18.52
C LEU A 262 6.95 -11.31 18.26
N TRP A 263 7.73 -11.02 19.32
CA TRP A 263 9.04 -10.39 19.18
C TRP A 263 10.08 -11.38 19.68
N ARG A 264 10.77 -12.04 18.76
CA ARG A 264 11.61 -13.18 19.07
C ARG A 264 13.03 -12.97 18.57
N GLN A 265 13.96 -13.69 19.20
CA GLN A 265 15.37 -13.59 18.85
C GLN A 265 15.58 -13.92 17.39
N LEU A 266 16.33 -13.05 16.71
CA LEU A 266 16.40 -13.16 15.27
C LEU A 266 17.25 -14.34 14.85
N GLY A 267 16.76 -15.05 13.85
CA GLY A 267 17.60 -15.80 12.97
C GLY A 267 17.82 -15.03 11.69
N THR A 268 17.19 -15.50 10.61
CA THR A 268 17.54 -15.06 9.27
C THR A 268 16.27 -14.70 8.53
N TYR A 269 16.27 -13.54 7.89
CA TYR A 269 15.10 -13.13 7.12
C TYR A 269 14.84 -14.12 5.99
N GLY A 270 13.56 -14.39 5.75
CA GLY A 270 13.16 -15.29 4.69
C GLY A 270 12.76 -14.53 3.44
N THR A 271 11.47 -14.23 3.30
CA THR A 271 11.00 -13.49 2.15
C THR A 271 9.62 -12.95 2.46
N GLU A 272 9.07 -12.25 1.47
CA GLU A 272 7.68 -11.81 1.50
C GLU A 272 6.85 -12.85 0.75
N LEU A 273 5.75 -13.27 1.36
CA LEU A 273 4.92 -14.34 0.82
C LEU A 273 3.51 -13.83 0.61
N ALA A 274 2.98 -14.04 -0.60
CA ALA A 274 1.57 -13.75 -0.83
C ALA A 274 0.71 -14.68 0.01
N TRP A 275 -0.41 -14.14 0.51
CA TRP A 275 -1.37 -14.97 1.23
C TRP A 275 -1.65 -16.27 0.51
N ARG A 276 -1.85 -16.23 -0.82
CA ARG A 276 -2.24 -17.42 -1.54
C ARG A 276 -1.18 -18.52 -1.47
N ASN A 277 0.05 -18.18 -1.09
CA ASN A 277 1.13 -19.15 -1.03
C ASN A 277 1.50 -19.55 0.40
N MET A 278 0.83 -18.98 1.40
CA MET A 278 1.21 -19.21 2.79
C MET A 278 0.83 -20.61 3.28
N GLY A 279 -0.44 -20.99 3.09
CA GLY A 279 -0.91 -22.24 3.64
C GLY A 279 -0.21 -23.46 3.10
N LYS A 280 0.40 -23.35 1.92
CA LYS A 280 1.16 -24.44 1.33
C LYS A 280 2.43 -24.73 2.11
N SER A 281 2.97 -23.73 2.83
CA SER A 281 4.29 -23.83 3.45
C SER A 281 4.29 -23.61 4.95
N PHE A 282 3.18 -23.14 5.52
CA PHE A 282 3.03 -22.99 6.96
C PHE A 282 1.74 -23.67 7.39
N ASP A 283 1.74 -24.14 8.64
CA ASP A 283 0.58 -24.81 9.24
C ASP A 283 -0.30 -23.74 9.85
N MET A 284 -1.34 -23.33 9.12
CA MET A 284 -2.19 -22.26 9.58
C MET A 284 -3.00 -22.62 10.82
N THR A 285 -3.04 -23.89 11.20
CA THR A 285 -3.69 -24.27 12.46
C THR A 285 -2.91 -23.80 13.66
N LYS A 286 -1.65 -23.43 13.48
CA LYS A 286 -0.82 -22.92 14.57
C LYS A 286 -0.84 -21.40 14.64
N THR A 287 -1.80 -20.76 13.98
CA THR A 287 -1.86 -19.30 13.99
C THR A 287 -2.09 -18.79 15.40
N THR A 288 -1.29 -17.81 15.82
CA THR A 288 -1.54 -17.03 17.02
C THR A 288 -2.11 -15.69 16.60
N TYR A 289 -3.26 -15.30 17.16
CA TYR A 289 -3.82 -13.97 16.92
C TYR A 289 -3.53 -13.12 18.15
N HIS A 290 -2.68 -12.10 17.98
CA HIS A 290 -2.32 -11.22 19.08
C HIS A 290 -3.51 -10.33 19.42
N LYS A 291 -4.07 -10.50 20.61
CA LYS A 291 -5.34 -9.84 20.91
C LYS A 291 -5.18 -8.36 21.18
N THR A 292 -3.98 -7.89 21.53
CA THR A 292 -3.78 -6.46 21.72
C THR A 292 -3.34 -5.78 20.41
N ALA A 293 -2.32 -6.33 19.74
CA ALA A 293 -1.84 -5.73 18.50
C ALA A 293 -2.84 -5.93 17.34
N LYS A 294 -3.70 -6.94 17.41
CA LYS A 294 -4.60 -7.33 16.32
C LYS A 294 -3.79 -7.68 15.06
N THR A 295 -3.04 -8.76 15.19
CA THR A 295 -2.16 -9.20 14.12
C THR A 295 -1.98 -10.71 14.25
N ALA A 296 -1.73 -11.39 13.13
CA ALA A 296 -1.57 -12.83 13.10
C ALA A 296 -0.12 -13.23 12.89
N TYR A 297 0.33 -14.25 13.61
CA TYR A 297 1.66 -14.80 13.34
C TYR A 297 1.67 -16.29 13.64
N ILE A 298 2.68 -16.96 13.11
CA ILE A 298 2.94 -18.36 13.39
C ILE A 298 4.40 -18.48 13.80
N TYR A 299 4.65 -19.00 15.00
CA TYR A 299 5.96 -19.52 15.36
C TYR A 299 5.85 -21.03 15.44
N ASP A 300 6.61 -21.72 14.62
CA ASP A 300 6.60 -23.18 14.56
C ASP A 300 7.77 -23.67 15.40
N THR A 301 7.46 -24.21 16.58
CA THR A 301 8.51 -24.66 17.49
C THR A 301 9.30 -25.83 16.92
N ALA A 302 8.70 -26.61 16.01
CA ALA A 302 9.39 -27.75 15.43
C ALA A 302 10.45 -27.31 14.41
N THR A 303 10.14 -26.31 13.60
CA THR A 303 11.03 -25.86 12.54
C THR A 303 11.78 -24.57 12.85
N LYS A 304 11.30 -23.78 13.81
CA LYS A 304 11.78 -22.45 14.14
C LYS A 304 11.50 -21.43 13.04
N ASN A 305 10.58 -21.75 12.13
CA ASN A 305 10.10 -20.78 11.16
C ASN A 305 9.10 -19.82 11.82
N PHE A 306 9.07 -18.59 11.31
CA PHE A 306 8.22 -17.53 11.86
C PHE A 306 7.55 -16.84 10.68
N LEU A 307 6.23 -16.64 10.78
CA LEU A 307 5.49 -15.94 9.73
C LEU A 307 4.62 -14.86 10.36
N THR A 308 4.74 -13.62 9.89
CA THR A 308 3.81 -12.56 10.25
C THR A 308 2.93 -12.28 9.03
N PHE A 309 1.63 -12.13 9.24
CA PHE A 309 0.72 -12.00 8.10
C PHE A 309 -0.59 -11.37 8.52
N ASP A 310 -1.39 -11.03 7.52
CA ASP A 310 -2.77 -10.60 7.71
C ASP A 310 -3.69 -11.73 7.29
N ASN A 311 -4.78 -11.90 8.02
CA ASN A 311 -5.69 -12.98 7.70
C ASN A 311 -7.12 -12.45 7.79
N PRO A 312 -8.16 -13.25 7.54
CA PRO A 312 -9.52 -12.69 7.60
C PRO A 312 -9.83 -11.98 8.91
N GLN A 313 -9.32 -12.46 10.04
CA GLN A 313 -9.65 -11.83 11.31
C GLN A 313 -8.99 -10.47 11.45
N SER A 314 -7.71 -10.37 11.08
CA SER A 314 -7.04 -9.07 11.20
C SER A 314 -7.64 -8.06 10.23
N LEU A 315 -8.07 -8.50 9.05
CA LEU A 315 -8.68 -7.57 8.10
C LEU A 315 -10.05 -7.13 8.57
N LYS A 316 -10.79 -8.03 9.22
CA LYS A 316 -12.08 -7.67 9.82
C LYS A 316 -11.89 -6.61 10.90
N ASP A 317 -10.91 -6.81 11.77
CA ASP A 317 -10.59 -5.80 12.79
C ASP A 317 -10.18 -4.48 12.15
N LYS A 318 -9.44 -4.55 11.03
CA LYS A 318 -9.02 -3.32 10.37
C LYS A 318 -10.18 -2.62 9.68
N ALA A 319 -11.07 -3.35 9.05
CA ALA A 319 -12.25 -2.75 8.44
C ALA A 319 -13.12 -2.07 9.49
N LYS A 320 -13.26 -2.70 10.65
CA LYS A 320 -14.06 -2.09 11.72
C LYS A 320 -13.42 -0.80 12.20
N TYR A 321 -12.08 -0.79 12.31
CA TYR A 321 -11.36 0.41 12.70
C TYR A 321 -11.61 1.55 11.72
N VAL A 322 -11.50 1.27 10.42
CA VAL A 322 -11.74 2.29 9.40
C VAL A 322 -13.13 2.89 9.56
N ALA A 323 -14.13 2.03 9.77
CA ALA A 323 -15.50 2.50 9.95
C ALA A 323 -15.63 3.35 11.21
N GLU A 324 -15.03 2.91 12.31
CA GLU A 324 -15.18 3.62 13.57
C GLU A 324 -14.53 5.00 13.53
N LYS A 325 -13.42 5.13 12.80
CA LYS A 325 -12.68 6.37 12.71
C LYS A 325 -13.18 7.30 11.61
N GLY A 326 -14.08 6.85 10.75
CA GLY A 326 -14.56 7.71 9.69
C GLY A 326 -13.56 7.88 8.58
N ILE A 327 -12.60 6.97 8.47
CA ILE A 327 -11.64 7.00 7.37
C ILE A 327 -12.35 6.67 6.07
N GLY A 328 -11.92 7.32 4.97
CA GLY A 328 -12.70 7.28 3.75
C GLY A 328 -12.66 5.96 2.99
N GLY A 329 -11.71 5.09 3.29
CA GLY A 329 -11.67 3.85 2.53
C GLY A 329 -10.56 2.95 2.98
N ILE A 330 -10.46 1.80 2.30
CA ILE A 330 -9.40 0.83 2.53
C ILE A 330 -8.64 0.66 1.23
N MET A 331 -7.31 0.61 1.31
CA MET A 331 -6.49 0.27 0.16
C MET A 331 -5.83 -1.08 0.42
N ILE A 332 -5.61 -1.85 -0.66
CA ILE A 332 -5.05 -3.20 -0.57
C ILE A 332 -3.80 -3.31 -1.42
N TRP A 333 -2.70 -3.75 -0.81
CA TRP A 333 -1.54 -4.20 -1.58
C TRP A 333 -1.30 -5.69 -1.34
N SER A 334 -1.50 -6.57 -2.33
CA SER A 334 -2.18 -6.28 -3.60
C SER A 334 -3.25 -7.37 -3.80
N ILE A 335 -4.29 -7.08 -4.58
CA ILE A 335 -5.45 -7.97 -4.57
C ILE A 335 -5.13 -9.31 -5.20
N ASP A 336 -4.15 -9.35 -6.12
CA ASP A 336 -3.81 -10.59 -6.78
C ASP A 336 -3.02 -11.55 -5.88
N GLN A 337 -2.59 -11.10 -4.70
CA GLN A 337 -1.99 -11.98 -3.71
C GLN A 337 -3.01 -12.81 -2.94
N ASP A 338 -4.30 -12.50 -3.09
CA ASP A 338 -5.37 -13.23 -2.42
C ASP A 338 -5.46 -14.65 -2.98
N ASP A 339 -6.11 -15.53 -2.21
CA ASP A 339 -6.30 -16.88 -2.73
C ASP A 339 -7.43 -16.93 -3.77
N ASP A 340 -7.58 -18.10 -4.40
CA ASP A 340 -8.57 -18.23 -5.47
C ASP A 340 -9.99 -18.00 -4.99
N LYS A 341 -10.27 -18.28 -3.72
CA LYS A 341 -11.61 -18.06 -3.20
C LYS A 341 -11.82 -16.67 -2.62
N LEU A 342 -10.83 -15.78 -2.72
CA LEU A 342 -10.93 -14.40 -2.23
C LEU A 342 -11.18 -14.33 -0.73
N SER A 343 -10.48 -15.17 0.05
CA SER A 343 -10.64 -15.14 1.50
C SER A 343 -10.37 -13.75 2.08
N LEU A 344 -9.33 -13.09 1.59
CA LEU A 344 -8.97 -11.80 2.17
C LEU A 344 -9.88 -10.68 1.67
N LEU A 345 -10.11 -10.61 0.36
CA LEU A 345 -10.95 -9.53 -0.17
C LEU A 345 -12.38 -9.65 0.36
N ASN A 346 -12.86 -10.88 0.53
CA ASN A 346 -14.21 -11.07 1.05
C ASN A 346 -14.31 -10.69 2.53
N SER A 347 -13.21 -10.77 3.27
CA SER A 347 -13.26 -10.34 4.66
C SER A 347 -13.26 -8.82 4.75
N VAL A 348 -12.54 -8.15 3.84
CA VAL A 348 -12.61 -6.70 3.75
C VAL A 348 -13.99 -6.26 3.29
N SER A 349 -14.52 -6.93 2.27
CA SER A 349 -15.85 -6.62 1.73
C SER A 349 -16.96 -6.87 2.75
C1 NGS B . 14.83 3.07 9.57
C2 NGS B . 15.23 1.89 8.66
C3 NGS B . 14.19 2.05 7.62
C4 NGS B . 12.72 2.08 8.18
C5 NGS B . 12.39 3.26 9.17
C6 NGS B . 10.65 3.40 9.65
O1 NGS B . 15.78 3.45 10.41
O3 NGS B . 14.50 0.97 6.77
O5 NGS B . 13.49 3.01 10.11
O6 NGS B . 10.36 2.54 11.16
N2 NGS B . 16.58 1.88 8.14
C7 NGS B . 17.60 1.12 8.54
O7 NGS B . 18.73 1.15 8.08
C8 NGS B . 17.28 0.21 9.65
S NGS B . 9.96 3.74 12.41
O7A NGS B . 8.29 4.14 12.85
O8 NGS B . 10.54 5.01 11.94
O9 NGS B . 10.49 3.12 13.66
O4 NGS B . 11.88 2.08 7.11
C1 NAG B . 11.39 0.98 6.43
C2 NAG B . 9.94 1.24 5.96
C3 NAG B . 9.53 0.24 4.88
C4 NAG B . 10.61 0.05 3.82
C5 NAG B . 11.93 -0.23 4.50
C6 NAG B . 13.09 -0.50 3.56
C7 NAG B . 8.44 2.22 7.64
C8 NAG B . 7.52 1.93 8.80
N2 NAG B . 9.02 1.15 7.07
O3 NAG B . 8.34 0.75 4.25
O4 NAG B . 10.32 -1.07 3.01
O5 NAG B . 12.26 0.91 5.30
O6 NAG B . 13.18 0.45 2.51
O7 NAG B . 8.64 3.36 7.25
C1 NAG B . 9.80 -0.53 1.83
C2 NAG B . 9.55 -1.73 0.95
C3 NAG B . 8.81 -1.29 -0.31
C4 NAG B . 7.53 -0.55 0.07
C5 NAG B . 7.86 0.62 1.00
C6 NAG B . 6.63 1.27 1.57
C7 NAG B . 11.27 -3.48 1.22
C8 NAG B . 10.36 -4.12 2.24
N2 NAG B . 10.81 -2.37 0.62
O3 NAG B . 8.49 -2.41 -1.11
O4 NAG B . 7.01 0.06 -1.09
O5 NAG B . 8.60 0.12 2.12
O6 NAG B . 5.92 0.33 2.37
O7 NAG B . 12.36 -3.97 0.93
C1 NAG B . 5.64 -0.10 -1.38
C2 NAG B . 6.00 -0.12 -2.88
C3 NAG B . 5.26 -1.16 -3.69
C4 NAG B . 5.57 -2.45 -2.92
C5 NAG B . 4.54 -2.47 -1.78
C6 NAG B . 4.74 -3.65 -0.85
C7 NAG B . 4.73 1.92 -3.49
C8 NAG B . 4.87 3.32 -3.96
N2 NAG B . 5.88 1.22 -3.43
O3 NAG B . 5.92 -1.22 -4.94
O5 NAG B . 4.77 -1.30 -1.00
O6 NAG B . 5.84 -3.44 0.03
O7 NAG B . 3.64 1.42 -3.21
C1 NAG C . -4.31 4.49 18.70
C2 NAG C . -4.31 3.96 20.14
C3 NAG C . -4.73 5.06 21.11
C4 NAG C . -3.94 6.35 20.88
C5 NAG C . -3.97 6.72 19.40
C6 NAG C . -3.10 7.91 19.07
C7 NAG C . -4.82 1.62 20.72
C8 NAG C . -5.90 0.59 20.84
N2 NAG C . -5.21 2.82 20.27
O3 NAG C . -4.53 4.59 22.44
O4 NAG C . -4.56 7.40 21.59
O5 NAG C . -3.49 5.63 18.62
O6 NAG C . -1.76 7.67 19.44
O7 NAG C . -3.64 1.38 21.01
C1 NAG C . -3.66 8.01 22.53
C2 NAG C . -4.31 9.31 22.99
C3 NAG C . -3.42 10.00 24.03
C4 NAG C . -2.94 9.04 25.12
C5 NAG C . -2.52 7.68 24.57
C6 NAG C . -2.44 6.64 25.66
C7 NAG C . -5.70 10.17 21.16
C8 NAG C . -5.79 11.16 20.02
N2 NAG C . -4.56 10.20 21.87
O3 NAG C . -4.19 11.03 24.66
O4 NAG C . -1.83 9.62 25.78
O5 NAG C . -3.46 7.18 23.62
O6 NAG C . -3.74 6.40 26.19
O7 NAG C . -6.61 9.39 21.41
C4 68X D . 7.72 -5.63 -6.67
C5 68X D . 7.36 -4.14 -6.67
C6 68X D . 8.59 -3.26 -6.94
O6 68X D . 8.14 -1.98 -7.29
C2 68X D . 6.97 -5.69 -4.19
N2 68X D . 5.65 -6.30 -4.13
C01 68X D . 5.29 -7.46 -1.60
C1 68X D . 6.91 -4.17 -4.28
O01 68X D . 5.90 -3.72 -3.40
C02 68X D . 6.16 -7.03 -0.71
C03 68X D . 7.22 -5.96 -0.93
C3 68X D . 7.79 -6.33 -5.32
O03 68X D . 7.31 -7.64 -5.49
C04 68X D . 8.61 -6.57 -0.75
O4 68X D . 8.97 -5.83 -7.30
C05 68X D . 9.11 -7.11 -2.08
O5 68X D . 6.63 -3.68 -5.56
C06 68X D . 8.74 -8.59 -2.03
C07 68X D . 8.41 -9.30 -3.32
C7 68X D . 4.68 -7.20 -3.07
O7 68X D . 3.68 -7.50 -3.40
C08 68X D . 7.04 -9.97 -3.12
C09 68X D . 6.97 -11.25 -2.78
C10 68X D . 5.64 -11.97 -2.59
C11 68X D . 4.43 -11.08 -2.88
C12 68X D . 3.93 -11.23 -4.32
C13 68X D . 4.11 -9.90 -5.07
C14 68X D . 5.30 -9.92 -6.03
C15 68X D . 4.81 -9.88 -7.48
C1 PEG E . 17.21 5.10 13.31
O1 PEG E . 15.98 5.23 13.95
C2 PEG E . 17.09 5.74 11.92
O2 PEG E . 18.01 5.12 11.05
C3 PEG E . 19.06 5.96 10.70
C4 PEG E . 19.89 5.32 9.59
O4 PEG E . 19.56 5.96 8.39
#